data_3UH1
#
_entry.id   3UH1
#
_cell.length_a   68.880
_cell.length_b   68.880
_cell.length_c   101.850
_cell.angle_alpha   90.00
_cell.angle_beta   90.00
_cell.angle_gamma   90.00
#
_symmetry.space_group_name_H-M   'P 43'
#
loop_
_entity.id
_entity.type
_entity.pdbx_description
1 polymer 'Saccharopine dehydrogenase [NAD+, L-lysine-forming]'
2 non-polymer '1,4-DIHYDRONICOTINAMIDE ADENINE DINUCLEOTIDE'
3 non-polymer 'N-(5-AMINO-5-CARBOXYPENTYL)GLUTAMIC ACID'
4 non-polymer GLYCEROL
5 water water
#
_entity_poly.entity_id   1
_entity_poly.type   'polypeptide(L)'
_entity_poly.pdbx_seq_one_letter_code
;MAAVTLHLRAETKPLEARAALTPTTVKKLIAKGFKIYVEDSPQSTFNINEYRQAGAIIVPAGSWKTAPRDRIIIGLKEMP
ETDTFPLVHEHIQFAHCYKDQAGWQNVLMRFIKGHGTLYDLEFLENDQGRRVAAFGFYAGFAGAALGVRDWAFKQTHSDD
EDLPAVSPYPNEKALVKDVTKDYKEALATGARKPTVLIIGALGRSGSGAIDLLHKVGIPDANILKWDIKETSRGGPFDEI
PQADIFINCIYLSKPIAPFTNMEKLNNPNRRLRTVVDVSADTTNPHNPIPIYTVATVFNKPTVLVPTTAGPKLSVISIDH
LPSLLPREASEFFSHDLLPSLELLPQRKTAPVWVRAKKLFDRHCARVKRSSRL
;
_entity_poly.pdbx_strand_id   A
#
loop_
_chem_comp.id
_chem_comp.type
_chem_comp.name
_chem_comp.formula
GOL non-polymer GLYCEROL 'C3 H8 O3'
NAI non-polymer '1,4-DIHYDRONICOTINAMIDE ADENINE DINUCLEOTIDE' 'C21 H29 N7 O14 P2'
#
# COMPACT_ATOMS: atom_id res chain seq x y z
N ALA A 3 12.48 -5.40 30.10
CA ALA A 3 12.55 -6.02 28.75
C ALA A 3 11.41 -5.35 27.99
N VAL A 4 11.38 -5.55 26.67
CA VAL A 4 10.21 -5.20 25.87
C VAL A 4 9.52 -6.47 25.44
N THR A 5 8.20 -6.45 25.53
CA THR A 5 7.40 -7.53 25.07
C THR A 5 6.60 -7.12 23.81
N LEU A 6 6.80 -7.81 22.68
CA LEU A 6 6.05 -7.50 21.45
C LEU A 6 5.11 -8.61 21.14
N HIS A 7 3.98 -8.27 20.50
CA HIS A 7 2.95 -9.26 20.23
C HIS A 7 2.52 -9.02 18.78
N LEU A 8 2.91 -9.90 17.85
CA LEU A 8 2.50 -9.82 16.45
C LEU A 8 1.09 -10.28 16.17
N ARG A 9 0.22 -9.30 15.90
CA ARG A 9 -1.19 -9.47 15.64
C ARG A 9 -1.42 -10.16 14.27
N ALA A 10 -2.35 -11.12 14.20
CA ALA A 10 -2.74 -11.72 12.92
C ALA A 10 -3.55 -10.74 12.11
N GLU A 11 -3.20 -10.61 10.82
CA GLU A 11 -3.88 -9.61 10.01
C GLU A 11 -5.24 -10.10 9.75
N THR A 12 -6.20 -9.16 9.77
CA THR A 12 -7.62 -9.43 9.47
C THR A 12 -8.11 -8.75 8.17
N LYS A 13 -7.34 -7.80 7.65
CA LYS A 13 -7.72 -7.23 6.34
C LYS A 13 -7.82 -8.39 5.30
N PRO A 14 -8.91 -8.46 4.49
CA PRO A 14 -9.04 -9.62 3.58
C PRO A 14 -7.92 -9.70 2.54
N LEU A 15 -7.38 -10.91 2.40
CA LEU A 15 -6.27 -11.24 1.50
C LEU A 15 -4.92 -10.65 1.90
N GLU A 16 -4.76 -10.17 3.13
CA GLU A 16 -3.49 -9.57 3.50
C GLU A 16 -2.57 -10.71 3.91
N ALA A 17 -1.47 -10.92 3.18
CA ALA A 17 -0.59 -12.07 3.44
C ALA A 17 0.78 -11.71 4.03
N ARG A 18 1.02 -10.41 4.20
CA ARG A 18 2.30 -9.92 4.73
C ARG A 18 2.26 -10.05 6.24
N ALA A 19 3.42 -9.93 6.87
CA ALA A 19 3.53 -9.82 8.33
C ALA A 19 4.48 -8.67 8.65
N ALA A 20 4.18 -7.96 9.75
CA ALA A 20 5.01 -6.84 10.21
C ALA A 20 6.36 -7.24 10.77
N LEU A 21 6.47 -8.46 11.30
CA LEU A 21 7.76 -9.01 11.73
C LEU A 21 7.91 -10.33 11.04
N THR A 22 9.06 -10.57 10.44
CA THR A 22 9.20 -11.90 9.85
C THR A 22 9.88 -12.81 10.87
N PRO A 23 9.94 -14.13 10.59
CA PRO A 23 10.63 -15.05 11.53
C PRO A 23 12.07 -14.63 11.86
N THR A 24 12.82 -14.14 10.86
CA THR A 24 14.20 -13.60 11.02
C THR A 24 14.19 -12.45 12.00
N THR A 25 13.29 -11.51 11.76
CA THR A 25 13.17 -10.32 12.59
C THR A 25 12.87 -10.73 14.04
N VAL A 26 11.97 -11.68 14.22
CA VAL A 26 11.67 -12.23 15.55
C VAL A 26 12.93 -12.88 16.19
N LYS A 27 13.65 -13.72 15.44
CA LYS A 27 14.90 -14.31 15.93
C LYS A 27 15.92 -13.25 16.34
N LYS A 28 16.16 -12.23 15.51
CA LYS A 28 17.05 -11.15 15.95
C LYS A 28 16.61 -10.37 17.17
N LEU A 29 15.31 -10.15 17.34
CA LEU A 29 14.83 -9.37 18.50
C LEU A 29 14.97 -10.17 19.82
N ILE A 30 14.70 -11.46 19.74
CA ILE A 30 14.88 -12.34 20.89
C ILE A 30 16.32 -12.34 21.38
N ALA A 31 17.29 -12.35 20.46
CA ALA A 31 18.74 -12.28 20.82
C ALA A 31 19.11 -10.92 21.42
N LYS A 32 18.20 -9.98 21.29
CA LYS A 32 18.46 -8.66 21.82
C LYS A 32 17.72 -8.55 23.14
N GLY A 33 17.05 -9.63 23.53
CA GLY A 33 16.39 -9.68 24.84
C GLY A 33 14.87 -9.40 24.87
N PHE A 34 14.23 -9.28 23.69
CA PHE A 34 12.78 -9.02 23.61
C PHE A 34 12.01 -10.32 23.93
N LYS A 35 10.84 -10.18 24.49
CA LYS A 35 9.97 -11.32 24.52
C LYS A 35 8.97 -11.11 23.39
N ILE A 36 8.79 -12.11 22.53
CA ILE A 36 7.94 -11.95 21.35
C ILE A 36 6.82 -12.99 21.28
N TYR A 37 5.56 -12.55 21.24
CA TYR A 37 4.44 -13.48 20.97
C TYR A 37 4.03 -13.32 19.51
N VAL A 38 3.59 -14.43 18.87
CA VAL A 38 3.14 -14.38 17.48
C VAL A 38 1.84 -15.14 17.39
N GLU A 39 0.82 -14.45 16.93
CA GLU A 39 -0.48 -15.04 16.71
C GLU A 39 -0.41 -15.94 15.50
N ASP A 40 -1.01 -17.13 15.65
CA ASP A 40 -1.05 -18.13 14.58
C ASP A 40 -1.98 -17.60 13.50
N SER A 41 -1.43 -17.10 12.41
CA SER A 41 -2.29 -16.44 11.43
C SER A 41 -2.68 -17.31 10.21
N PRO A 42 -3.99 -17.53 10.01
CA PRO A 42 -4.45 -18.22 8.82
C PRO A 42 -4.16 -17.46 7.45
N GLN A 43 -3.90 -16.15 7.42
CA GLN A 43 -3.63 -15.57 6.09
C GLN A 43 -2.16 -15.29 5.76
N SER A 44 -1.31 -15.35 6.78
CA SER A 44 0.13 -15.06 6.63
C SER A 44 0.81 -15.97 5.61
N THR A 45 1.67 -15.38 4.75
CA THR A 45 2.51 -16.16 3.86
C THR A 45 3.55 -16.99 4.65
N PHE A 46 3.86 -16.57 5.84
CA PHE A 46 4.83 -17.33 6.64
C PHE A 46 4.17 -18.52 7.36
N ASN A 47 4.84 -19.67 7.38
CA ASN A 47 4.35 -20.85 8.15
C ASN A 47 4.56 -20.61 9.64
N ILE A 48 3.61 -21.01 10.49
CA ILE A 48 3.74 -20.73 11.94
C ILE A 48 4.98 -21.36 12.54
N ASN A 49 5.42 -22.48 11.96
CA ASN A 49 6.69 -23.18 12.37
C ASN A 49 8.00 -22.42 12.18
N GLU A 50 8.07 -21.55 11.16
CA GLU A 50 9.17 -20.62 11.05
C GLU A 50 9.25 -19.71 12.28
N TYR A 51 8.11 -19.22 12.73
CA TYR A 51 8.10 -18.45 13.99
C TYR A 51 8.39 -19.32 15.19
N ARG A 52 7.83 -20.51 15.26
CA ARG A 52 8.22 -21.41 16.37
C ARG A 52 9.75 -21.58 16.48
N GLN A 53 10.40 -21.87 15.34
CA GLN A 53 11.84 -22.17 15.31
C GLN A 53 12.62 -20.91 15.62
N ALA A 54 12.05 -19.74 15.27
CA ALA A 54 12.64 -18.43 15.67
C ALA A 54 12.62 -18.14 17.19
N GLY A 55 11.77 -18.84 17.94
CA GLY A 55 11.75 -18.62 19.39
C GLY A 55 10.49 -17.90 19.87
N ALA A 56 9.61 -17.56 18.92
CA ALA A 56 8.34 -16.91 19.27
C ALA A 56 7.53 -17.76 20.22
N ILE A 57 6.81 -17.14 21.18
CA ILE A 57 5.70 -17.86 21.84
C ILE A 57 4.45 -17.80 20.95
N ILE A 58 3.88 -18.94 20.61
CA ILE A 58 2.78 -18.96 19.68
C ILE A 58 1.46 -18.85 20.41
N VAL A 59 0.61 -17.90 20.00
CA VAL A 59 -0.72 -17.76 20.67
C VAL A 59 -1.83 -17.66 19.62
N PRO A 60 -3.09 -17.72 20.02
CA PRO A 60 -4.15 -17.74 18.97
C PRO A 60 -4.38 -16.40 18.31
N ALA A 61 -4.99 -16.44 17.14
CA ALA A 61 -5.40 -15.28 16.45
C ALA A 61 -6.30 -14.40 17.33
N GLY A 62 -5.98 -13.11 17.44
CA GLY A 62 -6.81 -12.15 18.14
C GLY A 62 -6.63 -12.16 19.66
N SER A 63 -5.73 -12.98 20.18
CA SER A 63 -5.38 -12.89 21.61
C SER A 63 -4.72 -11.56 22.03
N TRP A 64 -4.33 -10.70 21.09
CA TRP A 64 -3.86 -9.39 21.53
C TRP A 64 -4.87 -8.59 22.38
N LYS A 65 -6.16 -8.75 22.06
CA LYS A 65 -7.34 -8.05 22.65
C LYS A 65 -7.36 -8.23 24.18
N THR A 66 -6.88 -9.38 24.65
CA THR A 66 -6.93 -9.73 26.09
C THR A 66 -5.53 -9.83 26.71
N ALA A 67 -4.49 -9.46 25.95
CA ALA A 67 -3.11 -9.52 26.43
C ALA A 67 -2.91 -8.51 27.52
N PRO A 68 -1.94 -8.75 28.44
CA PRO A 68 -1.47 -7.70 29.35
C PRO A 68 -1.18 -6.34 28.66
N ARG A 69 -1.56 -5.25 29.34
CA ARG A 69 -1.43 -3.86 28.85
C ARG A 69 -0.01 -3.38 28.55
N ASP A 70 0.99 -4.11 29.06
CA ASP A 70 2.40 -3.72 28.75
C ASP A 70 2.93 -4.27 27.41
N ARG A 71 2.21 -5.21 26.80
CA ARG A 71 2.63 -5.74 25.50
C ARG A 71 2.39 -4.69 24.41
N ILE A 72 3.37 -4.55 23.50
CA ILE A 72 3.23 -3.61 22.38
C ILE A 72 2.67 -4.50 21.28
N ILE A 73 1.53 -4.09 20.72
CA ILE A 73 0.85 -4.88 19.73
C ILE A 73 1.32 -4.39 18.35
N ILE A 74 1.95 -5.29 17.58
CA ILE A 74 2.40 -4.85 16.26
C ILE A 74 1.65 -5.60 15.13
N GLY A 75 1.25 -4.85 14.11
CA GLY A 75 0.45 -5.39 13.00
C GLY A 75 0.67 -4.47 11.81
N LEU A 76 0.25 -4.83 10.61
CA LEU A 76 0.48 -3.95 9.47
C LEU A 76 -0.76 -3.12 9.14
N LYS A 77 -1.91 -3.77 9.12
CA LYS A 77 -3.04 -3.14 8.45
C LYS A 77 -4.06 -2.68 9.47
N GLU A 78 -5.10 -1.98 8.99
CA GLU A 78 -6.16 -1.47 9.78
C GLU A 78 -6.82 -2.54 10.63
N MET A 79 -7.29 -2.09 11.78
CA MET A 79 -8.28 -2.80 12.54
C MET A 79 -9.63 -2.88 11.79
N PRO A 80 -10.36 -3.98 11.99
CA PRO A 80 -11.74 -3.97 11.48
C PRO A 80 -12.58 -2.78 11.99
N GLU A 81 -13.29 -2.15 11.05
CA GLU A 81 -14.29 -1.13 11.32
C GLU A 81 -15.26 -1.61 12.41
N THR A 82 -15.57 -2.91 12.40
CA THR A 82 -16.51 -3.46 13.38
C THR A 82 -15.90 -3.71 14.79
N ASP A 83 -14.62 -3.37 15.04
CA ASP A 83 -14.05 -3.49 16.38
C ASP A 83 -14.32 -2.12 16.94
N THR A 84 -15.03 -2.05 18.07
CA THR A 84 -15.42 -0.71 18.58
C THR A 84 -14.95 -0.50 20.02
N PHE A 85 -14.22 -1.47 20.57
CA PHE A 85 -13.82 -1.34 21.95
C PHE A 85 -12.53 -0.48 22.09
N PRO A 86 -12.33 0.14 23.27
CA PRO A 86 -11.19 1.05 23.51
C PRO A 86 -9.86 0.35 23.29
N LEU A 87 -8.93 1.05 22.64
CA LEU A 87 -7.57 0.53 22.43
C LEU A 87 -6.65 1.02 23.55
N VAL A 88 -6.18 0.07 24.36
CA VAL A 88 -5.44 0.43 25.59
C VAL A 88 -3.93 0.17 25.47
N HIS A 89 -3.49 -0.62 24.49
CA HIS A 89 -2.07 -0.91 24.38
C HIS A 89 -1.45 0.19 23.57
N GLU A 90 -0.13 0.19 23.56
CA GLU A 90 0.67 0.81 22.52
C GLU A 90 0.59 -0.07 21.27
N HIS A 91 0.26 0.56 20.15
CA HIS A 91 0.09 -0.16 18.87
C HIS A 91 1.05 0.43 17.86
N ILE A 92 1.69 -0.48 17.10
CA ILE A 92 2.52 -0.13 15.96
C ILE A 92 1.80 -0.74 14.74
N GLN A 93 1.40 0.08 13.78
CA GLN A 93 0.67 -0.39 12.61
C GLN A 93 0.60 0.78 11.61
N PHE A 94 0.04 0.53 10.41
CA PHE A 94 -0.42 1.61 9.53
C PHE A 94 -1.89 1.84 9.90
N ALA A 95 -2.27 3.02 10.30
CA ALA A 95 -3.66 3.36 10.59
C ALA A 95 -4.29 4.32 9.58
N HIS A 96 -3.51 4.90 8.70
CA HIS A 96 -4.10 5.76 7.63
C HIS A 96 -5.17 6.76 8.19
N CYS A 97 -4.79 7.56 9.16
CA CYS A 97 -5.79 8.43 9.77
C CYS A 97 -5.25 9.79 10.10
N TYR A 98 -4.16 10.19 9.47
CA TYR A 98 -3.55 11.46 9.75
C TYR A 98 -3.67 12.40 8.57
N LYS A 99 -4.42 12.03 7.54
CA LYS A 99 -4.59 12.89 6.34
C LYS A 99 -6.07 13.13 6.06
N ASP A 100 -6.89 13.11 7.11
CA ASP A 100 -8.35 13.20 7.01
C ASP A 100 -9.03 12.23 6.07
N GLN A 101 -8.46 11.03 5.92
CA GLN A 101 -9.19 9.92 5.29
C GLN A 101 -10.58 9.79 5.96
N ALA A 102 -11.57 9.34 5.19
CA ALA A 102 -12.93 9.13 5.69
C ALA A 102 -12.89 8.27 6.94
N GLY A 103 -13.58 8.67 8.02
CA GLY A 103 -13.53 7.89 9.27
C GLY A 103 -12.28 8.03 10.19
N TRP A 104 -11.33 8.91 9.85
CA TRP A 104 -10.11 9.06 10.69
C TRP A 104 -10.37 9.37 12.13
N GLN A 105 -11.41 10.16 12.43
CA GLN A 105 -11.73 10.44 13.84
C GLN A 105 -12.08 9.15 14.59
N ASN A 106 -12.73 8.20 13.92
CA ASN A 106 -13.18 6.99 14.65
C ASN A 106 -12.02 6.08 15.00
N VAL A 107 -11.07 6.02 14.08
CA VAL A 107 -9.83 5.33 14.33
C VAL A 107 -9.20 5.87 15.63
N LEU A 108 -8.99 7.19 15.71
CA LEU A 108 -8.27 7.80 16.84
C LEU A 108 -9.09 7.73 18.16
N MET A 109 -10.41 7.81 18.03
CA MET A 109 -11.26 7.83 19.21
C MET A 109 -11.15 6.54 20.06
N ARG A 110 -10.90 5.40 19.39
CA ARG A 110 -10.66 4.15 20.12
C ARG A 110 -9.40 4.24 20.99
N PHE A 111 -8.36 4.91 20.49
CA PHE A 111 -7.12 5.07 21.25
C PHE A 111 -7.36 6.04 22.40
N ILE A 112 -8.07 7.13 22.10
CA ILE A 112 -8.40 8.16 23.10
C ILE A 112 -9.21 7.55 24.28
N LYS A 113 -10.27 6.80 23.98
CA LYS A 113 -11.06 6.13 25.04
C LYS A 113 -10.25 5.07 25.83
N GLY A 114 -9.29 4.39 25.20
CA GLY A 114 -8.52 3.38 25.91
C GLY A 114 -7.24 3.91 26.59
N HIS A 115 -6.89 5.16 26.29
CA HIS A 115 -5.57 5.71 26.67
C HIS A 115 -4.38 4.98 26.03
N GLY A 116 -4.66 4.31 24.91
CA GLY A 116 -3.62 3.74 24.09
C GLY A 116 -2.79 4.76 23.37
N THR A 117 -1.75 4.25 22.69
CA THR A 117 -0.83 5.04 21.85
C THR A 117 -0.66 4.35 20.46
N LEU A 118 -0.71 5.16 19.42
CA LEU A 118 -0.50 4.71 18.07
C LEU A 118 0.87 5.23 17.65
N TYR A 119 1.74 4.30 17.30
CA TYR A 119 2.97 4.66 16.61
C TYR A 119 2.83 4.21 15.13
N ASP A 120 2.50 5.16 14.26
CA ASP A 120 2.08 4.77 12.93
C ASP A 120 3.32 4.53 12.11
N LEU A 121 3.42 3.34 11.52
CA LEU A 121 4.53 2.91 10.67
C LEU A 121 4.90 3.95 9.58
N GLU A 122 3.91 4.68 9.07
CA GLU A 122 4.19 5.55 7.89
C GLU A 122 5.00 6.77 8.31
N PHE A 123 4.98 7.05 9.62
CA PHE A 123 5.48 8.35 10.17
C PHE A 123 6.64 8.06 11.09
N LEU A 124 7.21 6.89 10.97
CA LEU A 124 8.46 6.65 11.63
C LEU A 124 9.55 7.14 10.71
N GLU A 125 10.34 8.10 11.17
CA GLU A 125 11.30 8.81 10.33
C GLU A 125 12.68 8.90 10.99
N ASN A 126 13.74 8.99 10.20
CA ASN A 126 15.04 9.28 10.76
C ASN A 126 15.17 10.78 11.06
N ASP A 127 16.36 11.14 11.53
CA ASP A 127 16.67 12.48 11.97
C ASP A 127 16.44 13.46 10.82
N GLN A 128 16.66 12.97 9.59
CA GLN A 128 16.64 13.83 8.40
C GLN A 128 15.28 13.93 7.71
N GLY A 129 14.24 13.54 8.45
CA GLY A 129 12.85 13.59 7.96
C GLY A 129 12.44 12.47 6.99
N ARG A 130 13.35 11.52 6.75
CA ARG A 130 13.08 10.39 5.84
C ARG A 130 12.50 9.15 6.57
N ARG A 131 11.52 8.53 5.90
CA ARG A 131 10.96 7.26 6.37
C ARG A 131 11.96 6.17 6.61
N VAL A 132 11.82 5.50 7.76
CA VAL A 132 12.74 4.42 8.06
C VAL A 132 12.40 3.10 7.32
N ALA A 133 11.13 2.88 6.95
CA ALA A 133 10.70 1.61 6.32
C ALA A 133 9.43 1.84 5.52
N ALA A 134 9.39 1.29 4.31
CA ALA A 134 8.36 1.67 3.34
C ALA A 134 8.14 0.56 2.31
N PHE A 135 6.89 0.24 1.98
CA PHE A 135 6.63 -0.79 0.98
C PHE A 135 6.52 -0.25 -0.44
N GLY A 136 6.63 1.08 -0.59
CA GLY A 136 6.31 1.73 -1.88
C GLY A 136 6.88 1.08 -3.14
N PHE A 137 8.10 0.56 -3.08
CA PHE A 137 8.68 0.05 -4.29
C PHE A 137 7.87 -1.12 -4.78
N TYR A 138 7.50 -2.03 -3.86
CA TYR A 138 6.74 -3.26 -4.19
C TYR A 138 5.36 -2.91 -4.66
N ALA A 139 4.80 -1.81 -4.12
CA ALA A 139 3.48 -1.39 -4.59
C ALA A 139 3.49 -0.87 -6.07
N GLY A 140 4.47 -0.03 -6.39
CA GLY A 140 4.57 0.53 -7.75
C GLY A 140 4.85 -0.61 -8.69
N PHE A 141 5.72 -1.54 -8.28
CA PHE A 141 6.02 -2.71 -9.08
C PHE A 141 4.72 -3.54 -9.39
N ALA A 142 4.05 -3.99 -8.33
CA ALA A 142 2.79 -4.79 -8.42
C ALA A 142 1.71 -4.03 -9.14
N GLY A 143 1.60 -2.74 -8.85
CA GLY A 143 0.64 -1.86 -9.52
C GLY A 143 0.83 -1.79 -11.05
N ALA A 144 2.06 -1.55 -11.43
CA ALA A 144 2.42 -1.46 -12.80
C ALA A 144 2.15 -2.80 -13.47
N ALA A 145 2.43 -3.92 -12.79
CA ALA A 145 2.15 -5.23 -13.38
C ALA A 145 0.66 -5.44 -13.66
N LEU A 146 -0.19 -5.09 -12.71
CA LEU A 146 -1.62 -5.27 -12.94
C LEU A 146 -2.13 -4.32 -14.01
N GLY A 147 -1.59 -3.11 -14.05
CA GLY A 147 -1.99 -2.13 -15.06
C GLY A 147 -1.64 -2.59 -16.48
N VAL A 148 -0.40 -3.03 -16.68
CA VAL A 148 -0.03 -3.62 -17.96
C VAL A 148 -0.93 -4.84 -18.29
N ARG A 149 -1.16 -5.73 -17.30
CA ARG A 149 -2.08 -6.84 -17.52
C ARG A 149 -3.50 -6.34 -17.95
N ASP A 150 -4.04 -5.33 -17.25
CA ASP A 150 -5.34 -4.79 -17.63
C ASP A 150 -5.35 -4.20 -19.06
N TRP A 151 -4.32 -3.45 -19.39
CA TRP A 151 -4.24 -2.80 -20.69
C TRP A 151 -4.29 -3.94 -21.75
N ALA A 152 -3.50 -4.99 -21.54
CA ALA A 152 -3.35 -6.11 -22.49
C ALA A 152 -4.66 -6.89 -22.70
N PHE A 153 -5.41 -7.08 -21.60
CA PHE A 153 -6.70 -7.75 -21.52
C PHE A 153 -7.71 -7.02 -22.40
N LYS A 154 -7.69 -5.70 -22.31
CA LYS A 154 -8.57 -4.87 -23.06
C LYS A 154 -8.24 -4.96 -24.58
N GLN A 155 -7.11 -5.53 -24.94
CA GLN A 155 -6.79 -5.71 -26.37
C GLN A 155 -7.22 -7.09 -26.96
N THR A 156 -7.57 -8.05 -26.12
CA THR A 156 -7.62 -9.48 -26.55
C THR A 156 -8.85 -10.19 -25.99
N HIS A 157 -9.72 -9.43 -25.31
CA HIS A 157 -10.89 -9.98 -24.64
C HIS A 157 -12.04 -9.09 -24.91
N SER A 158 -13.23 -9.70 -24.84
CA SER A 158 -14.49 -8.98 -24.95
C SER A 158 -14.50 -7.89 -23.88
N ASP A 159 -15.16 -6.78 -24.18
CA ASP A 159 -15.47 -5.73 -23.22
C ASP A 159 -16.39 -6.18 -22.13
N ASP A 160 -17.04 -7.33 -22.38
CA ASP A 160 -17.97 -7.90 -21.42
C ASP A 160 -17.20 -8.36 -20.19
N GLU A 161 -15.96 -8.80 -20.41
CA GLU A 161 -15.11 -9.46 -19.41
C GLU A 161 -14.26 -8.45 -18.61
N ASP A 162 -13.97 -8.77 -17.34
CA ASP A 162 -13.01 -7.96 -16.57
C ASP A 162 -11.77 -8.75 -16.17
N LEU A 163 -10.66 -8.05 -15.96
CA LEU A 163 -9.45 -8.68 -15.50
C LEU A 163 -9.87 -9.54 -14.29
N PRO A 164 -9.54 -10.85 -14.33
CA PRO A 164 -9.90 -11.84 -13.33
C PRO A 164 -9.10 -11.64 -12.02
N ALA A 165 -9.61 -12.26 -10.97
CA ALA A 165 -8.97 -12.33 -9.69
C ALA A 165 -7.49 -12.58 -9.81
N VAL A 166 -6.70 -11.88 -8.99
CA VAL A 166 -5.28 -12.24 -8.84
C VAL A 166 -5.02 -12.86 -7.45
N SER A 167 -3.98 -13.66 -7.38
CA SER A 167 -3.49 -14.33 -6.20
C SER A 167 -2.01 -13.91 -6.01
N PRO A 168 -1.49 -14.00 -4.78
CA PRO A 168 -0.10 -13.62 -4.52
C PRO A 168 0.90 -14.51 -5.28
N TYR A 169 2.07 -13.98 -5.60
CA TYR A 169 3.04 -14.75 -6.36
C TYR A 169 4.14 -15.18 -5.43
N PRO A 170 4.82 -16.30 -5.75
CA PRO A 170 5.90 -16.75 -4.87
C PRO A 170 7.15 -15.95 -5.11
N ASN A 171 7.19 -15.18 -6.19
CA ASN A 171 8.40 -14.39 -6.47
C ASN A 171 8.20 -13.47 -7.68
N GLU A 172 9.07 -12.48 -7.78
CA GLU A 172 8.94 -11.49 -8.82
C GLU A 172 9.02 -12.07 -10.24
N LYS A 173 9.91 -13.05 -10.43
CA LYS A 173 10.08 -13.72 -11.70
C LYS A 173 8.77 -14.24 -12.26
N ALA A 174 8.03 -14.97 -11.45
CA ALA A 174 6.67 -15.46 -11.83
C ALA A 174 5.66 -14.34 -12.13
N LEU A 175 5.64 -13.30 -11.32
CA LEU A 175 4.77 -12.18 -11.70
C LEU A 175 5.17 -11.60 -13.08
N VAL A 176 6.47 -11.31 -13.25
CA VAL A 176 6.94 -10.68 -14.50
C VAL A 176 6.65 -11.62 -15.71
N LYS A 177 6.79 -12.92 -15.50
CA LYS A 177 6.46 -13.89 -16.56
C LYS A 177 4.96 -13.75 -16.97
N ASP A 178 4.02 -13.68 -16.04
CA ASP A 178 2.58 -13.55 -16.40
C ASP A 178 2.34 -12.28 -17.14
N VAL A 179 2.91 -11.18 -16.66
CA VAL A 179 2.64 -9.91 -17.30
C VAL A 179 3.21 -9.84 -18.75
N THR A 180 4.41 -10.39 -18.92
CA THR A 180 5.11 -10.40 -20.18
C THR A 180 4.31 -11.25 -21.24
N LYS A 181 3.75 -12.38 -20.82
CA LYS A 181 2.91 -13.20 -21.69
C LYS A 181 1.72 -12.45 -22.21
N ASP A 182 0.98 -11.79 -21.32
CA ASP A 182 -0.24 -11.08 -21.66
C ASP A 182 0.15 -9.95 -22.57
N TYR A 183 1.26 -9.34 -22.20
CA TYR A 183 1.69 -8.15 -22.90
C TYR A 183 2.12 -8.47 -24.33
N LYS A 184 3.04 -9.41 -24.50
CA LYS A 184 3.44 -9.87 -25.88
C LYS A 184 2.24 -10.33 -26.72
N GLU A 185 1.34 -11.12 -26.11
CA GLU A 185 0.10 -11.53 -26.74
C GLU A 185 -0.74 -10.37 -27.30
N ALA A 186 -0.90 -9.29 -26.52
CA ALA A 186 -1.57 -8.10 -27.04
C ALA A 186 -0.79 -7.42 -28.18
N LEU A 187 0.52 -7.31 -28.08
CA LEU A 187 1.29 -6.69 -29.17
C LEU A 187 1.14 -7.57 -30.41
N ALA A 188 1.32 -8.89 -30.26
CA ALA A 188 1.22 -9.83 -31.40
C ALA A 188 -0.07 -9.63 -32.25
N THR A 189 -1.14 -9.18 -31.61
CA THR A 189 -2.36 -8.96 -32.32
C THR A 189 -2.51 -7.57 -32.93
N GLY A 190 -1.47 -6.72 -32.85
CA GLY A 190 -1.57 -5.42 -33.56
C GLY A 190 -1.78 -4.19 -32.69
N ALA A 191 -2.04 -4.41 -31.40
CA ALA A 191 -2.10 -3.31 -30.44
C ALA A 191 -0.80 -2.48 -30.46
N ARG A 192 -0.93 -1.16 -30.50
CA ARG A 192 0.22 -0.26 -30.46
C ARG A 192 0.87 -0.29 -29.05
N LYS A 193 2.20 -0.35 -29.02
CA LYS A 193 2.99 -0.28 -27.77
C LYS A 193 2.46 0.85 -26.89
N PRO A 194 2.04 0.54 -25.64
CA PRO A 194 1.43 1.59 -24.82
C PRO A 194 2.39 2.70 -24.41
N THR A 195 1.90 3.93 -24.31
CA THR A 195 2.64 4.94 -23.53
C THR A 195 2.11 5.00 -22.08
N VAL A 196 3.04 5.04 -21.12
CA VAL A 196 2.69 4.97 -19.72
C VAL A 196 3.06 6.30 -19.06
N LEU A 197 2.08 7.01 -18.52
CA LEU A 197 2.41 8.22 -17.80
C LEU A 197 2.48 7.94 -16.30
N ILE A 198 3.66 8.13 -15.71
CA ILE A 198 3.86 8.00 -14.26
C ILE A 198 3.98 9.37 -13.61
N ILE A 199 3.06 9.73 -12.72
CA ILE A 199 3.25 10.90 -11.86
C ILE A 199 3.69 10.47 -10.45
N GLY A 200 4.74 11.10 -9.93
CA GLY A 200 5.40 10.70 -8.67
C GLY A 200 6.54 9.75 -8.99
N ALA A 201 7.01 9.82 -10.24
CA ALA A 201 8.02 8.95 -10.78
C ALA A 201 9.35 8.85 -10.02
N LEU A 202 9.71 9.87 -9.25
CA LEU A 202 11.00 9.84 -8.58
C LEU A 202 10.95 9.14 -7.21
N GLY A 203 9.74 8.95 -6.66
CA GLY A 203 9.59 8.26 -5.35
C GLY A 203 9.81 6.74 -5.34
N ARG A 204 9.48 6.15 -4.21
CA ARG A 204 9.60 4.70 -4.04
C ARG A 204 8.66 3.91 -4.96
N SER A 205 7.39 4.23 -4.96
CA SER A 205 6.50 3.45 -5.83
C SER A 205 6.73 3.80 -7.34
N GLY A 206 7.07 5.06 -7.61
CA GLY A 206 7.40 5.43 -8.99
C GLY A 206 8.55 4.56 -9.47
N SER A 207 9.59 4.45 -8.66
CA SER A 207 10.72 3.59 -9.02
C SER A 207 10.33 2.15 -9.25
N GLY A 208 9.41 1.63 -8.42
CA GLY A 208 9.09 0.20 -8.55
C GLY A 208 8.35 0.00 -9.85
N ALA A 209 7.45 0.93 -10.21
CA ALA A 209 6.69 0.89 -11.44
C ALA A 209 7.57 0.98 -12.72
N ILE A 210 8.53 1.91 -12.73
CA ILE A 210 9.54 1.98 -13.81
C ILE A 210 10.30 0.69 -13.90
N ASP A 211 10.74 0.15 -12.76
CA ASP A 211 11.40 -1.14 -12.75
C ASP A 211 10.56 -2.26 -13.39
N LEU A 212 9.28 -2.37 -13.02
CA LEU A 212 8.44 -3.37 -13.67
C LEU A 212 8.34 -3.09 -15.19
N LEU A 213 8.13 -1.85 -15.59
CA LEU A 213 7.87 -1.56 -17.01
C LEU A 213 9.09 -1.97 -17.85
N HIS A 214 10.29 -1.75 -17.29
CA HIS A 214 11.53 -2.15 -17.96
C HIS A 214 11.63 -3.64 -18.07
N LYS A 215 11.28 -4.31 -16.97
CA LYS A 215 11.47 -5.74 -16.95
C LYS A 215 10.55 -6.41 -17.95
N VAL A 216 9.44 -5.75 -18.32
CA VAL A 216 8.41 -6.40 -19.10
C VAL A 216 8.72 -6.06 -20.57
N GLY A 217 9.47 -4.98 -20.81
CA GLY A 217 10.00 -4.66 -22.14
C GLY A 217 9.40 -3.43 -22.73
N ILE A 218 8.63 -2.67 -21.94
CA ILE A 218 8.23 -1.35 -22.39
C ILE A 218 9.50 -0.44 -22.46
N PRO A 219 9.67 0.28 -23.60
CA PRO A 219 10.85 1.10 -23.85
C PRO A 219 10.78 2.40 -23.09
N ASP A 220 11.93 2.85 -22.58
CA ASP A 220 12.03 4.09 -21.84
C ASP A 220 11.27 5.24 -22.50
N ALA A 221 11.27 5.29 -23.85
CA ALA A 221 10.65 6.39 -24.60
C ALA A 221 9.14 6.44 -24.43
N ASN A 222 8.61 5.25 -24.14
CA ASN A 222 7.19 5.03 -23.92
C ASN A 222 6.71 5.37 -22.49
N ILE A 223 7.64 5.78 -21.62
CA ILE A 223 7.30 6.11 -20.25
C ILE A 223 7.53 7.59 -19.94
N LEU A 224 6.46 8.31 -19.62
CA LEU A 224 6.60 9.70 -19.22
C LEU A 224 6.67 9.82 -17.68
N LYS A 225 7.87 10.21 -17.24
CA LYS A 225 8.26 10.26 -15.85
C LYS A 225 8.06 11.65 -15.33
N TRP A 226 6.94 11.84 -14.68
CA TRP A 226 6.58 13.10 -14.10
C TRP A 226 6.71 13.13 -12.58
N ASP A 227 7.09 14.30 -12.07
CA ASP A 227 7.17 14.52 -10.63
C ASP A 227 6.80 15.98 -10.35
N ILE A 228 7.35 16.62 -9.30
CA ILE A 228 6.82 17.96 -8.96
C ILE A 228 7.05 19.01 -10.04
N LYS A 229 8.20 18.96 -10.70
CA LYS A 229 8.48 19.88 -11.81
C LYS A 229 7.25 19.88 -12.72
N GLU A 230 7.12 18.79 -13.48
CA GLU A 230 6.13 18.64 -14.51
C GLU A 230 4.70 18.98 -14.14
N THR A 231 4.37 18.95 -12.85
CA THR A 231 2.96 19.23 -12.43
C THR A 231 2.74 20.60 -11.73
N SER A 232 3.78 21.44 -11.66
CA SER A 232 3.66 22.72 -10.93
C SER A 232 2.64 23.66 -11.55
N ARG A 233 2.52 23.61 -12.87
CA ARG A 233 1.45 24.30 -13.62
C ARG A 233 0.02 23.99 -13.11
N GLY A 234 -0.19 22.83 -12.49
CA GLY A 234 -1.52 22.49 -11.94
C GLY A 234 -2.45 21.78 -12.92
N GLY A 235 -3.25 20.85 -12.41
CA GLY A 235 -4.14 20.06 -13.27
C GLY A 235 -5.47 20.77 -13.54
N PRO A 236 -6.38 20.11 -14.27
CA PRO A 236 -6.27 18.77 -14.87
C PRO A 236 -5.39 18.73 -16.11
N PHE A 237 -4.76 17.59 -16.40
CA PHE A 237 -3.83 17.47 -17.52
C PHE A 237 -4.43 16.68 -18.69
N ASP A 238 -3.94 17.07 -19.87
CA ASP A 238 -4.26 16.54 -21.19
C ASP A 238 -3.45 15.26 -21.49
N GLU A 239 -2.29 15.15 -20.86
CA GLU A 239 -1.40 14.01 -21.10
C GLU A 239 -1.93 12.72 -20.47
N ILE A 240 -2.90 12.81 -19.57
CA ILE A 240 -3.50 11.65 -18.93
C ILE A 240 -4.45 10.93 -19.91
N PRO A 241 -5.48 11.64 -20.45
CA PRO A 241 -6.36 11.00 -21.47
C PRO A 241 -5.60 10.50 -22.69
N GLN A 242 -4.50 11.13 -23.03
CA GLN A 242 -3.71 10.68 -24.19
C GLN A 242 -2.69 9.58 -23.92
N ALA A 243 -2.44 9.27 -22.64
CA ALA A 243 -1.60 8.11 -22.30
C ALA A 243 -2.40 6.81 -22.47
N ASP A 244 -1.74 5.69 -22.65
CA ASP A 244 -2.47 4.42 -22.59
C ASP A 244 -2.74 3.95 -21.17
N ILE A 245 -1.76 4.15 -20.31
CA ILE A 245 -1.80 3.67 -18.91
C ILE A 245 -1.32 4.89 -18.10
N PHE A 246 -2.10 5.25 -17.09
CA PHE A 246 -1.67 6.24 -16.09
C PHE A 246 -1.53 5.60 -14.69
N ILE A 247 -0.38 5.87 -14.06
CA ILE A 247 -0.03 5.31 -12.78
C ILE A 247 0.22 6.44 -11.80
N ASN A 248 -0.61 6.57 -10.77
CA ASN A 248 -0.44 7.67 -9.83
C ASN A 248 0.36 7.16 -8.67
N CYS A 249 1.55 7.74 -8.49
CA CYS A 249 2.52 7.36 -7.44
C CYS A 249 2.91 8.52 -6.56
N ILE A 250 2.03 9.51 -6.50
CA ILE A 250 2.37 10.63 -5.66
C ILE A 250 2.16 10.30 -4.17
N TYR A 251 2.85 11.10 -3.36
CA TYR A 251 2.52 11.29 -1.97
C TYR A 251 1.72 12.58 -1.89
N LEU A 252 0.42 12.43 -1.67
CA LEU A 252 -0.50 13.53 -1.52
C LEU A 252 -0.40 14.11 -0.11
N SER A 253 0.24 15.30 0.01
CA SER A 253 0.40 16.00 1.32
C SER A 253 -0.31 17.35 1.36
N LYS A 254 -0.11 18.16 0.33
CA LYS A 254 -0.83 19.45 0.17
C LYS A 254 -2.11 19.32 -0.70
N PRO A 255 -3.14 20.14 -0.44
CA PRO A 255 -4.28 20.23 -1.36
C PRO A 255 -3.83 20.67 -2.76
N ILE A 256 -4.26 19.92 -3.79
CA ILE A 256 -3.80 20.17 -5.15
C ILE A 256 -4.96 20.07 -6.13
N ALA A 257 -4.76 20.68 -7.31
CA ALA A 257 -5.72 20.56 -8.41
C ALA A 257 -5.69 19.14 -9.01
N PRO A 258 -6.89 18.53 -9.19
CA PRO A 258 -7.05 17.17 -9.68
C PRO A 258 -6.44 16.95 -11.05
N PHE A 259 -5.82 15.78 -11.23
CA PHE A 259 -4.99 15.48 -12.40
C PHE A 259 -5.82 15.27 -13.69
N THR A 260 -7.08 14.92 -13.50
CA THR A 260 -8.01 14.78 -14.59
C THR A 260 -9.42 14.78 -14.02
N ASN A 261 -10.44 14.72 -14.88
CA ASN A 261 -11.84 14.68 -14.42
C ASN A 261 -12.70 13.92 -15.39
N MET A 262 -13.95 13.66 -15.03
CA MET A 262 -14.92 13.07 -15.95
C MET A 262 -15.09 13.81 -17.30
N GLU A 263 -15.14 15.15 -17.29
CA GLU A 263 -15.27 15.92 -18.52
C GLU A 263 -14.19 15.60 -19.55
N LYS A 264 -12.92 15.64 -19.13
CA LYS A 264 -11.76 15.37 -20.00
C LYS A 264 -11.71 13.94 -20.48
N LEU A 265 -12.30 13.02 -19.70
CA LEU A 265 -12.28 11.59 -20.00
C LEU A 265 -13.40 11.16 -20.94
N ASN A 266 -14.56 11.82 -20.85
CA ASN A 266 -15.64 11.62 -21.81
C ASN A 266 -15.26 12.28 -23.14
N ASN A 267 -14.60 11.51 -24.00
CA ASN A 267 -14.02 12.01 -25.22
C ASN A 267 -13.64 10.89 -26.19
N PRO A 268 -14.25 10.89 -27.40
CA PRO A 268 -14.11 9.79 -28.36
C PRO A 268 -12.67 9.48 -28.72
N ASN A 269 -11.79 10.46 -28.62
CA ASN A 269 -10.40 10.30 -29.01
C ASN A 269 -9.46 9.98 -27.81
N ARG A 270 -10.04 9.61 -26.68
CA ARG A 270 -9.25 9.21 -25.51
C ARG A 270 -8.54 7.89 -25.79
N ARG A 271 -7.25 7.87 -25.55
CA ARG A 271 -6.50 6.60 -25.65
C ARG A 271 -6.40 5.85 -24.31
N LEU A 272 -6.64 6.56 -23.19
CA LEU A 272 -6.40 5.99 -21.85
C LEU A 272 -7.28 4.80 -21.53
N ARG A 273 -6.67 3.67 -21.26
CA ARG A 273 -7.44 2.46 -20.94
C ARG A 273 -7.48 2.00 -19.43
N THR A 274 -6.45 2.34 -18.67
CA THR A 274 -6.21 1.76 -17.34
C THR A 274 -5.60 2.83 -16.44
N VAL A 275 -6.22 3.08 -15.30
CA VAL A 275 -5.61 4.00 -14.34
C VAL A 275 -5.15 3.18 -13.16
N VAL A 276 -3.82 3.21 -12.88
CA VAL A 276 -3.37 2.47 -11.71
C VAL A 276 -3.22 3.47 -10.57
N ASP A 277 -4.17 3.53 -9.63
CA ASP A 277 -4.02 4.50 -8.55
C ASP A 277 -3.25 3.86 -7.41
N VAL A 278 -1.94 3.86 -7.55
CA VAL A 278 -1.03 3.32 -6.50
C VAL A 278 -1.12 4.17 -5.18
N SER A 279 -0.96 5.50 -5.28
CA SER A 279 -1.15 6.36 -4.12
C SER A 279 -2.40 5.96 -3.35
N ALA A 280 -3.49 5.82 -4.09
CA ALA A 280 -4.76 5.28 -3.53
C ALA A 280 -5.37 6.10 -2.38
N ASP A 281 -5.38 7.43 -2.56
CA ASP A 281 -6.00 8.36 -1.60
C ASP A 281 -7.48 8.50 -1.90
N THR A 282 -8.10 7.33 -2.01
CA THR A 282 -9.44 7.13 -2.51
C THR A 282 -10.47 7.84 -1.62
N THR A 283 -10.23 7.78 -0.30
CA THR A 283 -11.19 8.30 0.68
C THR A 283 -10.74 9.66 1.18
N ASN A 284 -9.74 10.23 0.52
CA ASN A 284 -9.26 11.55 0.80
C ASN A 284 -10.06 12.61 0.02
N PRO A 285 -10.45 13.68 0.72
CA PRO A 285 -11.27 14.75 0.12
C PRO A 285 -10.51 15.53 -0.95
N HIS A 286 -9.20 15.39 -0.96
CA HIS A 286 -8.39 16.04 -1.99
C HIS A 286 -7.85 15.08 -3.05
N ASN A 287 -8.40 13.86 -3.09
CA ASN A 287 -7.99 12.82 -4.04
C ASN A 287 -7.88 13.45 -5.41
N PRO A 288 -6.68 13.50 -5.99
CA PRO A 288 -6.58 14.18 -7.29
C PRO A 288 -7.07 13.30 -8.44
N ILE A 289 -7.73 12.18 -8.13
CA ILE A 289 -8.34 11.29 -9.12
C ILE A 289 -9.78 10.92 -8.76
N PRO A 290 -10.70 11.91 -8.83
CA PRO A 290 -12.12 11.77 -8.41
C PRO A 290 -13.05 10.99 -9.42
N ILE A 291 -12.45 10.11 -10.21
CA ILE A 291 -13.15 9.42 -11.29
C ILE A 291 -13.70 8.07 -10.84
N TYR A 292 -13.39 7.68 -9.61
CA TYR A 292 -13.85 6.40 -9.10
C TYR A 292 -14.08 6.52 -7.59
N THR A 293 -14.80 5.56 -7.01
CA THR A 293 -14.97 5.59 -5.54
C THR A 293 -14.72 4.22 -4.95
N VAL A 294 -14.65 3.19 -5.78
CA VAL A 294 -14.46 1.87 -5.24
C VAL A 294 -12.96 1.65 -4.99
N ALA A 295 -12.67 1.00 -3.85
CA ALA A 295 -11.34 0.47 -3.56
C ALA A 295 -11.32 -0.96 -4.06
N THR A 296 -10.65 -1.23 -5.18
CA THR A 296 -10.62 -2.61 -5.71
C THR A 296 -9.76 -3.58 -4.83
N VAL A 297 -9.97 -4.88 -5.00
CA VAL A 297 -9.35 -5.86 -4.18
C VAL A 297 -8.76 -6.91 -5.11
N PHE A 298 -7.80 -7.70 -4.62
CA PHE A 298 -7.18 -8.71 -5.48
C PHE A 298 -8.18 -9.63 -6.21
N ASN A 299 -9.30 -9.92 -5.55
CA ASN A 299 -10.27 -10.88 -6.09
C ASN A 299 -11.19 -10.19 -7.11
N LYS A 300 -11.06 -8.87 -7.22
CA LYS A 300 -11.80 -8.06 -8.19
C LYS A 300 -11.03 -6.75 -8.46
N PRO A 301 -9.93 -6.84 -9.24
CA PRO A 301 -8.89 -5.83 -9.18
C PRO A 301 -9.16 -4.56 -9.92
N THR A 302 -10.17 -4.56 -10.79
CA THR A 302 -10.48 -3.35 -11.61
C THR A 302 -11.92 -2.88 -11.40
N VAL A 303 -12.13 -1.58 -11.45
CA VAL A 303 -13.46 -1.06 -11.53
C VAL A 303 -13.61 -0.24 -12.84
N LEU A 304 -14.76 -0.39 -13.51
CA LEU A 304 -15.13 0.41 -14.70
C LEU A 304 -15.33 1.87 -14.40
N VAL A 305 -14.68 2.77 -15.09
CA VAL A 305 -15.04 4.20 -14.92
C VAL A 305 -16.14 4.47 -15.97
N PRO A 306 -17.37 4.81 -15.53
CA PRO A 306 -18.44 4.81 -16.55
C PRO A 306 -18.24 6.03 -17.45
N THR A 307 -17.81 5.81 -18.69
CA THR A 307 -17.55 6.98 -19.56
C THR A 307 -18.67 7.05 -20.60
N THR A 308 -18.86 8.25 -21.15
CA THR A 308 -19.88 8.44 -22.16
C THR A 308 -19.30 8.54 -23.58
N ALA A 309 -17.97 8.67 -23.69
CA ALA A 309 -17.31 8.55 -25.00
C ALA A 309 -15.92 7.97 -24.81
N GLY A 310 -15.36 7.35 -25.85
CA GLY A 310 -14.04 6.68 -25.77
C GLY A 310 -14.12 5.23 -25.29
N PRO A 311 -13.01 4.48 -25.38
CA PRO A 311 -13.10 3.03 -25.12
C PRO A 311 -13.19 2.70 -23.62
N LYS A 312 -13.40 1.43 -23.28
CA LYS A 312 -13.57 1.01 -21.88
C LYS A 312 -12.29 1.38 -21.14
N LEU A 313 -12.52 2.11 -20.03
CA LEU A 313 -11.52 2.55 -19.10
C LEU A 313 -11.86 1.97 -17.72
N SER A 314 -10.81 1.49 -17.03
CA SER A 314 -10.89 0.85 -15.70
C SER A 314 -9.82 1.46 -14.74
N VAL A 315 -10.18 1.48 -13.46
CA VAL A 315 -9.28 1.87 -12.41
C VAL A 315 -8.91 0.64 -11.55
N ILE A 316 -7.62 0.54 -11.20
CA ILE A 316 -7.10 -0.35 -10.15
C ILE A 316 -6.76 0.48 -8.92
N SER A 317 -7.29 0.07 -7.75
CA SER A 317 -7.11 0.84 -6.52
C SER A 317 -6.98 -0.01 -5.24
N ILE A 318 -6.34 -1.16 -5.40
CA ILE A 318 -5.91 -2.04 -4.33
C ILE A 318 -4.96 -1.23 -3.43
N ASP A 319 -5.31 -1.21 -2.13
CA ASP A 319 -4.60 -0.47 -1.13
C ASP A 319 -3.54 -1.27 -0.34
N HIS A 320 -3.21 -2.46 -0.82
CA HIS A 320 -2.12 -3.23 -0.22
C HIS A 320 -1.52 -4.11 -1.31
N LEU A 321 -1.16 -3.43 -2.40
CA LEU A 321 -0.41 -4.03 -3.54
C LEU A 321 0.83 -4.86 -3.17
N PRO A 322 1.60 -4.44 -2.15
CA PRO A 322 2.81 -5.23 -1.81
C PRO A 322 2.54 -6.68 -1.41
N SER A 323 1.30 -6.97 -1.00
CA SER A 323 0.88 -8.32 -0.67
C SER A 323 0.74 -9.22 -1.91
N LEU A 324 0.87 -8.68 -3.12
CA LEU A 324 1.11 -9.52 -4.30
C LEU A 324 2.45 -10.26 -4.24
N LEU A 325 3.38 -9.84 -3.39
CA LEU A 325 4.69 -10.48 -3.37
C LEU A 325 5.04 -10.51 -1.89
N PRO A 326 4.21 -11.24 -1.05
CA PRO A 326 4.13 -10.99 0.41
C PRO A 326 5.38 -11.32 1.18
N ARG A 327 6.06 -12.36 0.77
CA ARG A 327 7.18 -12.83 1.58
C ARG A 327 8.38 -11.87 1.40
N GLU A 328 8.79 -11.54 0.17
CA GLU A 328 9.96 -10.65 0.08
C GLU A 328 9.58 -9.23 0.46
N ALA A 329 8.34 -8.76 0.19
CA ALA A 329 7.96 -7.45 0.65
C ALA A 329 8.08 -7.32 2.17
N SER A 330 7.55 -8.30 2.92
CA SER A 330 7.72 -8.42 4.35
C SER A 330 9.16 -8.48 4.84
N GLU A 331 10.01 -9.33 4.22
CA GLU A 331 11.46 -9.34 4.61
C GLU A 331 12.11 -7.98 4.39
N PHE A 332 11.76 -7.31 3.31
CA PHE A 332 12.35 -6.03 2.99
C PHE A 332 11.99 -4.99 4.04
N PHE A 333 10.70 -4.93 4.31
CA PHE A 333 10.20 -3.94 5.21
C PHE A 333 10.74 -4.23 6.59
N SER A 334 10.65 -5.50 7.06
CA SER A 334 11.08 -5.77 8.46
C SER A 334 12.54 -5.48 8.66
N HIS A 335 13.40 -5.81 7.68
CA HIS A 335 14.83 -5.49 7.82
C HIS A 335 15.05 -3.97 8.08
N ASP A 336 14.39 -3.14 7.29
CA ASP A 336 14.53 -1.69 7.34
C ASP A 336 13.91 -1.12 8.61
N LEU A 337 12.92 -1.82 9.13
CA LEU A 337 12.27 -1.44 10.39
C LEU A 337 13.12 -1.80 11.64
N LEU A 338 13.80 -2.94 11.59
CA LEU A 338 14.53 -3.46 12.74
C LEU A 338 15.37 -2.46 13.57
N PRO A 339 16.25 -1.65 12.94
CA PRO A 339 16.95 -0.68 13.78
C PRO A 339 16.03 0.16 14.72
N SER A 340 14.89 0.66 14.23
CA SER A 340 13.96 1.38 15.09
C SER A 340 13.38 0.50 16.19
N LEU A 341 13.03 -0.75 15.86
CA LEU A 341 12.39 -1.62 16.87
C LEU A 341 13.39 -1.88 18.01
N GLU A 342 14.68 -1.92 17.68
CA GLU A 342 15.74 -2.17 18.71
C GLU A 342 15.79 -1.06 19.70
N LEU A 343 15.27 0.09 19.34
CA LEU A 343 15.22 1.25 20.22
C LEU A 343 13.95 1.28 21.08
N LEU A 344 13.08 0.29 20.95
CA LEU A 344 11.81 0.36 21.72
C LEU A 344 12.00 0.37 23.28
N PRO A 345 13.04 -0.33 23.82
CA PRO A 345 13.31 -0.14 25.29
C PRO A 345 13.48 1.32 25.70
N GLN A 346 14.03 2.15 24.81
CA GLN A 346 14.21 3.57 25.03
C GLN A 346 13.16 4.42 24.37
N ARG A 347 11.98 3.88 24.02
CA ARG A 347 11.03 4.63 23.22
C ARG A 347 10.59 5.94 23.86
N LYS A 348 10.74 6.06 25.17
CA LYS A 348 10.34 7.31 25.83
C LYS A 348 11.28 8.44 25.48
N THR A 349 12.51 8.14 25.04
CA THR A 349 13.42 9.23 24.66
C THR A 349 13.91 9.14 23.23
N ALA A 350 13.93 7.94 22.65
CA ALA A 350 14.44 7.71 21.28
C ALA A 350 13.63 8.58 20.29
N PRO A 351 14.29 9.50 19.55
CA PRO A 351 13.47 10.43 18.73
C PRO A 351 12.49 9.78 17.71
N VAL A 352 12.87 8.67 17.14
CA VAL A 352 12.06 8.01 16.11
C VAL A 352 10.72 7.74 16.75
N TRP A 353 10.72 7.19 17.98
CA TRP A 353 9.47 6.86 18.71
C TRP A 353 8.81 8.13 19.25
N VAL A 354 9.61 9.04 19.84
CA VAL A 354 9.02 10.22 20.46
C VAL A 354 8.30 11.11 19.46
N ARG A 355 8.94 11.33 18.32
CA ARG A 355 8.35 12.08 17.21
C ARG A 355 6.97 11.52 16.89
N ALA A 356 6.87 10.20 16.79
CA ALA A 356 5.66 9.53 16.38
C ALA A 356 4.60 9.64 17.48
N LYS A 357 5.01 9.49 18.74
CA LYS A 357 4.06 9.72 19.85
C LYS A 357 3.53 11.17 19.85
N LYS A 358 4.43 12.16 19.73
CA LYS A 358 3.96 13.57 19.71
C LYS A 358 3.04 13.88 18.50
N LEU A 359 3.34 13.29 17.34
CA LEU A 359 2.45 13.40 16.17
C LEU A 359 1.06 12.81 16.47
N PHE A 360 1.01 11.63 17.04
CA PHE A 360 -0.27 11.03 17.52
C PHE A 360 -1.07 11.95 18.47
N ASP A 361 -0.38 12.48 19.48
CA ASP A 361 -1.04 13.40 20.45
C ASP A 361 -1.56 14.66 19.74
N ARG A 362 -0.83 15.18 18.75
CA ARG A 362 -1.38 16.38 18.09
C ARG A 362 -2.63 16.04 17.25
N HIS A 363 -2.62 14.87 16.60
CA HIS A 363 -3.81 14.44 15.85
C HIS A 363 -4.98 14.09 16.77
N CYS A 364 -4.71 13.49 17.94
CA CYS A 364 -5.80 13.19 18.85
C CYS A 364 -6.43 14.50 19.32
N ALA A 365 -5.62 15.56 19.40
CA ALA A 365 -6.14 16.87 19.87
C ALA A 365 -7.17 17.54 18.94
N ARG A 366 -7.13 17.19 17.66
CA ARG A 366 -8.05 17.63 16.62
C ARG A 366 -9.40 16.91 16.64
N VAL A 367 -9.51 15.82 17.39
CA VAL A 367 -10.69 14.99 17.39
C VAL A 367 -11.80 15.61 18.28
N LYS A 368 -13.06 15.66 17.79
CA LYS A 368 -14.27 16.20 18.50
C LYS A 368 -14.70 15.19 19.57
N ARG A 369 -14.98 15.67 20.77
CA ARG A 369 -15.18 14.76 21.93
C ARG A 369 -16.60 14.52 22.48
PA NAI B . 7.56 8.80 -1.99
O1A NAI B . 8.78 7.97 -2.16
O2A NAI B . 7.55 9.93 -1.03
O5B NAI B . 7.33 9.39 -3.48
C5B NAI B . 6.25 10.29 -3.74
C4B NAI B . 6.59 11.08 -5.02
O4B NAI B . 5.51 11.94 -5.39
C3B NAI B . 7.78 12.01 -4.75
O3B NAI B . 8.84 11.78 -5.68
C2B NAI B . 7.22 13.42 -4.82
O2B NAI B . 8.22 14.32 -5.30
C1B NAI B . 6.06 13.22 -5.78
N9A NAI B . 4.93 14.19 -5.65
C8A NAI B . 4.33 14.62 -4.53
N7A NAI B . 3.30 15.44 -4.86
C5A NAI B . 3.28 15.52 -6.21
C6A NAI B . 2.49 16.21 -7.14
N6A NAI B . 1.47 17.02 -6.75
N1A NAI B . 2.76 16.07 -8.46
C2A NAI B . 3.76 15.30 -8.92
N3A NAI B . 4.52 14.62 -8.06
C4A NAI B . 4.29 14.72 -6.71
O3 NAI B . 6.23 8.04 -1.55
PN NAI B . 5.97 6.47 -1.77
O1N NAI B . 6.68 5.75 -0.65
O2N NAI B . 6.23 6.17 -3.21
O5D NAI B . 4.40 6.40 -1.53
C5D NAI B . 3.55 7.34 -2.15
C4D NAI B . 2.11 7.01 -1.79
O4D NAI B . 1.97 5.68 -2.22
C3D NAI B . 1.92 6.98 -0.29
O3D NAI B . 1.00 7.99 0.17
C2D NAI B . 1.43 5.58 0.03
O2D NAI B . 0.35 5.59 0.96
C1D NAI B . 1.08 4.96 -1.35
N1N NAI B . 1.27 3.48 -1.32
C2N NAI B . 0.27 2.64 -1.67
C3N NAI B . 0.42 1.25 -1.61
C7N NAI B . -0.67 0.29 -2.06
O7N NAI B . -0.62 -0.92 -1.79
N7N NAI B . -1.62 0.77 -2.90
C4N NAI B . 1.60 0.71 -1.10
C5N NAI B . 2.63 1.55 -0.72
C6N NAI B . 2.45 2.94 -0.89
N1 SHR C . -2.17 6.89 0.47
C10 SHR C . -3.27 6.36 1.33
C9 SHR C . -3.05 4.89 1.67
C8 SHR C . -2.67 3.94 0.50
C7 SHR C . -2.64 2.48 0.98
C6 SHR C . -1.31 2.19 1.72
N SHR C . -1.05 0.79 2.09
C11 SHR C . -3.31 7.14 2.65
O5 SHR C . -4.25 6.89 3.47
O6 SHR C . -2.40 7.98 2.89
C4 SHR C . 0.36 0.40 2.10
C3 SHR C . 1.29 1.25 2.99
C2 SHR C . 2.79 0.89 2.89
C1 SHR C . 3.76 2.07 3.08
O1 SHR C . 3.38 3.28 2.99
O2 SHR C . 4.95 1.73 3.31
C5 SHR C . 0.57 -1.05 2.39
O3 SHR C . -0.25 -1.71 3.05
O4 SHR C . 1.57 -1.55 1.94
C1 GOL D . 12.51 1.84 2.46
O1 GOL D . 12.23 0.88 3.48
C2 GOL D . 12.97 3.15 3.08
O2 GOL D . 13.17 4.10 2.04
C3 GOL D . 14.30 2.94 3.77
O3 GOL D . 15.31 3.59 3.02
#